data_6MPZ
#
_entry.id   6MPZ
#
_cell.length_a   37.888
_cell.length_b   119.426
_cell.length_c   76.522
_cell.angle_alpha   90.00
_cell.angle_beta   93.84
_cell.angle_gamma   90.00
#
_symmetry.space_group_name_H-M   'P 1 21 1'
#
loop_
_entity.id
_entity.type
_entity.pdbx_description
1 polymer 'Double Glycine Motif Protease domain from AMS/PCAT Transporter'
2 polymer 'peptide aldehyde inhibitor 1 based on the ProcA2.8 leader peptide'
3 non-polymer 3,6,9,12,15,18-HEXAOXAICOSANE
4 water water
#
loop_
_entity_poly.entity_id
_entity_poly.type
_entity_poly.pdbx_seq_one_letter_code
_entity_poly.pdbx_strand_id
1 'polypeptide(L)'
;MSKKQIQPVTRGRAKVPVIMQMEALECGAASLAMVLAYYKKWVPLEQVRVDCGVSRDGSNALNVLKAARNYGLEAKGYRY
EPEKLKKEGTFPCIIHWNFNHFVVLKGFKGKYAYINDPAKGDVKIPMEEFDRSFTGICLIFKPTDRF
;
A,B,C,D
2 'polypeptide(L)' GNLSDDELEGVAG(GLZ) M,N,O,P
#
loop_
_chem_comp.id
_chem_comp.type
_chem_comp.name
_chem_comp.formula
16P non-polymer 3,6,9,12,15,18-HEXAOXAICOSANE 'C14 H30 O6'
#
# COMPACT_ATOMS: atom_id res chain seq x y z
N GLN A 5 36.26 -7.00 11.40
CA GLN A 5 36.78 -6.13 12.49
C GLN A 5 35.67 -5.31 13.16
N ILE A 6 34.54 -5.01 12.51
CA ILE A 6 33.48 -4.21 13.14
C ILE A 6 32.80 -5.00 14.28
N GLN A 7 32.76 -4.38 15.46
CA GLN A 7 32.21 -4.98 16.66
C GLN A 7 30.91 -4.26 17.00
N PRO A 8 30.05 -4.92 17.81
CA PRO A 8 28.92 -4.21 18.39
C PRO A 8 29.38 -3.13 19.37
N VAL A 9 28.56 -2.10 19.51
CA VAL A 9 28.76 -1.04 20.44
C VAL A 9 28.04 -1.41 21.72
N THR A 10 28.74 -1.28 22.83
CA THR A 10 28.14 -1.46 24.15
C THR A 10 27.95 -0.17 24.92
N ARG A 11 28.49 0.97 24.42
CA ARG A 11 28.57 2.22 25.20
C ARG A 11 27.60 3.30 24.71
N GLY A 12 27.81 3.83 23.51
CA GLY A 12 26.97 4.94 23.04
C GLY A 12 25.99 4.41 22.02
N ARG A 13 26.01 4.97 20.82
CA ARG A 13 25.11 4.60 19.76
C ARG A 13 25.89 4.07 18.56
N ALA A 14 25.29 3.13 17.85
CA ALA A 14 25.86 2.56 16.61
C ALA A 14 25.41 3.44 15.44
N LYS A 15 26.36 3.71 14.51
CA LYS A 15 26.03 4.39 13.28
C LYS A 15 25.50 3.33 12.32
N VAL A 16 24.21 3.40 11.99
CA VAL A 16 23.55 2.37 11.16
C VAL A 16 22.80 3.05 10.04
N PRO A 17 23.04 2.60 8.79
CA PRO A 17 22.35 3.22 7.67
C PRO A 17 20.85 2.94 7.70
N VAL A 18 20.06 3.92 7.25
CA VAL A 18 18.63 3.77 7.09
C VAL A 18 18.22 3.00 5.80
N ILE A 19 17.46 1.89 5.96
CA ILE A 19 16.80 1.15 4.84
C ILE A 19 15.32 1.10 5.15
N MET A 20 14.49 1.58 4.23
CA MET A 20 13.04 1.62 4.45
C MET A 20 12.45 0.30 3.99
N GLN A 21 11.37 -0.14 4.64
CA GLN A 21 10.61 -1.28 4.12
C GLN A 21 9.90 -0.80 2.84
N MET A 22 9.97 -1.60 1.77
CA MET A 22 9.28 -1.26 0.51
C MET A 22 7.78 -1.49 0.61
N GLU A 23 7.37 -2.46 1.41
CA GLU A 23 5.98 -2.57 1.81
C GLU A 23 5.86 -3.06 3.26
N ALA A 24 4.65 -2.89 3.81
CA ALA A 24 4.36 -3.03 5.25
C ALA A 24 4.78 -4.33 5.97
N LEU A 25 4.82 -5.43 5.26
CA LEU A 25 5.08 -6.74 5.86
C LEU A 25 6.56 -6.97 5.98
N GLU A 26 7.40 -6.08 5.41
CA GLU A 26 8.86 -6.32 5.27
C GLU A 26 9.76 -5.85 6.42
N CYS A 27 9.20 -5.29 7.49
CA CYS A 27 10.03 -4.66 8.57
C CYS A 27 11.17 -5.56 9.12
N GLY A 28 10.87 -6.85 9.31
CA GLY A 28 11.85 -7.86 9.76
C GLY A 28 13.07 -7.89 8.88
N ALA A 29 12.81 -8.00 7.58
CA ALA A 29 13.86 -8.05 6.57
C ALA A 29 14.66 -6.74 6.42
N ALA A 30 13.97 -5.60 6.42
CA ALA A 30 14.62 -4.31 6.39
C ALA A 30 15.54 -4.14 7.63
N SER A 31 15.05 -4.58 8.81
CA SER A 31 15.79 -4.46 10.04
C SER A 31 17.02 -5.36 9.96
N LEU A 32 16.90 -6.62 9.51
CA LEU A 32 18.14 -7.42 9.39
C LEU A 32 19.09 -6.84 8.29
N ALA A 33 18.55 -6.19 7.27
CA ALA A 33 19.38 -5.63 6.18
C ALA A 33 20.31 -4.53 6.74
N MET A 34 19.71 -3.65 7.55
CA MET A 34 20.45 -2.61 8.31
C MET A 34 21.52 -3.18 9.22
N VAL A 35 21.21 -4.26 9.96
CA VAL A 35 22.24 -4.94 10.79
C VAL A 35 23.39 -5.51 9.93
N LEU A 36 23.03 -6.19 8.86
CA LEU A 36 24.01 -6.67 7.87
C LEU A 36 24.90 -5.55 7.29
N ALA A 37 24.29 -4.42 6.96
CA ALA A 37 25.00 -3.26 6.44
C ALA A 37 25.97 -2.65 7.46
N TYR A 38 25.62 -2.67 8.75
CA TYR A 38 26.51 -2.22 9.84
C TYR A 38 27.81 -3.06 9.83
N TYR A 39 27.68 -4.36 9.61
CA TYR A 39 28.86 -5.27 9.58
C TYR A 39 29.45 -5.41 8.18
N LYS A 40 28.93 -4.62 7.23
CA LYS A 40 29.34 -4.64 5.82
C LYS A 40 29.18 -6.02 5.18
N LYS A 41 28.12 -6.74 5.55
CA LYS A 41 27.74 -8.00 4.88
C LYS A 41 26.73 -7.67 3.84
N TRP A 42 27.19 -7.68 2.59
CA TRP A 42 26.42 -7.17 1.47
C TRP A 42 25.59 -8.33 0.95
N VAL A 43 24.27 -8.21 1.09
CA VAL A 43 23.31 -9.24 0.72
C VAL A 43 22.19 -8.43 0.10
N PRO A 44 21.80 -8.76 -1.14
CA PRO A 44 20.68 -8.04 -1.77
C PRO A 44 19.41 -8.03 -0.90
N LEU A 45 18.70 -6.92 -0.81
CA LEU A 45 17.50 -6.86 0.05
C LEU A 45 16.47 -7.90 -0.32
N GLU A 46 16.34 -8.21 -1.62
CA GLU A 46 15.40 -9.24 -2.09
C GLU A 46 15.74 -10.58 -1.48
N GLN A 47 17.03 -10.88 -1.38
CA GLN A 47 17.48 -12.15 -0.80
C GLN A 47 17.13 -12.21 0.70
N VAL A 48 17.30 -11.09 1.42
CA VAL A 48 17.04 -11.03 2.86
C VAL A 48 15.54 -11.33 3.14
N ARG A 49 14.66 -10.77 2.33
CA ARG A 49 13.20 -10.97 2.50
C ARG A 49 12.89 -12.46 2.45
N VAL A 50 13.41 -13.10 1.42
CA VAL A 50 13.16 -14.51 1.18
C VAL A 50 13.80 -15.37 2.25
N ASP A 51 15.01 -15.02 2.69
CA ASP A 51 15.68 -15.77 3.76
C ASP A 51 15.04 -15.57 5.12
N CYS A 52 14.38 -14.43 5.35
CA CYS A 52 13.64 -14.21 6.59
C CYS A 52 12.27 -14.87 6.56
N GLY A 53 11.85 -15.33 5.38
CA GLY A 53 10.53 -15.91 5.21
C GLY A 53 9.38 -14.92 5.33
N VAL A 54 9.50 -13.74 4.75
CA VAL A 54 8.35 -12.80 4.75
C VAL A 54 7.11 -13.47 4.17
N SER A 55 6.01 -13.37 4.91
CA SER A 55 4.76 -14.00 4.55
C SER A 55 3.69 -12.94 4.78
N ARG A 56 2.42 -13.37 4.72
CA ARG A 56 1.28 -12.50 5.04
C ARG A 56 1.22 -12.14 6.53
N ASP A 57 1.98 -12.85 7.37
CA ASP A 57 2.13 -12.51 8.79
C ASP A 57 3.47 -11.81 9.14
N GLY A 58 4.04 -11.11 8.17
CA GLY A 58 5.35 -10.48 8.32
C GLY A 58 6.41 -11.55 8.44
N SER A 59 7.33 -11.38 9.40
CA SER A 59 8.40 -12.35 9.70
C SER A 59 8.33 -12.65 11.17
N ASN A 60 9.03 -13.70 11.58
CA ASN A 60 9.12 -14.06 12.98
C ASN A 60 10.57 -14.14 13.46
N ALA A 61 10.75 -13.98 14.76
CA ALA A 61 12.03 -13.74 15.30
C ALA A 61 12.92 -14.95 15.10
N LEU A 62 12.34 -16.15 15.13
CA LEU A 62 13.19 -17.37 14.90
C LEU A 62 13.82 -17.37 13.50
N ASN A 63 13.05 -16.94 12.51
CA ASN A 63 13.54 -16.93 11.11
C ASN A 63 14.53 -15.78 10.85
N VAL A 64 14.34 -14.64 11.53
CA VAL A 64 15.28 -13.54 11.42
C VAL A 64 16.62 -14.00 11.94
N LEU A 65 16.62 -14.63 13.09
CA LEU A 65 17.83 -15.15 13.71
C LEU A 65 18.52 -16.21 12.85
N LYS A 66 17.75 -17.15 12.29
CA LYS A 66 18.30 -18.21 11.43
C LYS A 66 18.97 -17.65 10.17
N ALA A 67 18.30 -16.69 9.54
CA ALA A 67 18.86 -16.00 8.36
C ALA A 67 20.16 -15.26 8.73
N ALA A 68 20.19 -14.60 9.89
CA ALA A 68 21.39 -13.88 10.34
C ALA A 68 22.58 -14.86 10.51
N ARG A 69 22.29 -16.04 11.05
CA ARG A 69 23.30 -17.08 11.30
C ARG A 69 23.91 -17.62 10.01
N ASN A 70 23.09 -17.84 8.99
CA ASN A 70 23.59 -18.27 7.68
C ASN A 70 24.47 -17.21 7.02
N TYR A 71 24.24 -15.93 7.32
CA TYR A 71 25.12 -14.85 6.85
C TYR A 71 26.36 -14.62 7.71
N GLY A 72 26.65 -15.50 8.66
CA GLY A 72 27.91 -15.44 9.42
C GLY A 72 27.89 -14.70 10.75
N LEU A 73 26.72 -14.19 11.16
CA LEU A 73 26.58 -13.56 12.45
C LEU A 73 26.13 -14.57 13.50
N GLU A 74 26.70 -14.47 14.70
CA GLU A 74 26.15 -15.15 15.83
C GLU A 74 24.91 -14.34 16.24
N ALA A 75 23.82 -15.03 16.54
CA ALA A 75 22.55 -14.42 16.84
C ALA A 75 21.76 -15.13 17.97
N LYS A 76 21.32 -14.34 18.96
CA LYS A 76 20.58 -14.84 20.11
C LYS A 76 19.37 -13.96 20.40
N GLY A 77 18.29 -14.59 20.83
CA GLY A 77 17.04 -13.90 21.25
C GLY A 77 16.87 -13.83 22.76
N TYR A 78 16.64 -12.64 23.29
CA TYR A 78 16.43 -12.43 24.69
C TYR A 78 15.10 -11.76 24.93
N ARG A 79 14.51 -12.07 26.08
CA ARG A 79 13.49 -11.26 26.69
C ARG A 79 14.17 -10.43 27.79
N TYR A 80 14.01 -9.11 27.68
CA TYR A 80 14.62 -8.12 28.56
C TYR A 80 13.51 -7.18 28.95
N GLU A 81 13.48 -6.77 30.20
CA GLU A 81 12.73 -5.55 30.57
C GLU A 81 13.54 -4.35 30.06
N PRO A 82 12.84 -3.21 29.85
CA PRO A 82 13.46 -1.99 29.37
C PRO A 82 14.77 -1.62 30.08
N GLU A 83 14.80 -1.67 31.43
CA GLU A 83 15.95 -1.27 32.19
C GLU A 83 17.17 -2.17 31.93
N LYS A 84 16.94 -3.44 31.69
CA LYS A 84 18.07 -4.38 31.44
C LYS A 84 18.53 -4.29 29.97
N LEU A 85 17.65 -3.86 29.08
CA LEU A 85 18.07 -3.64 27.70
C LEU A 85 19.11 -2.48 27.69
N LYS A 86 18.74 -1.39 28.37
CA LYS A 86 19.59 -0.18 28.59
C LYS A 86 20.94 -0.49 29.23
N LYS A 87 20.94 -1.46 30.12
CA LYS A 87 22.13 -1.81 30.84
C LYS A 87 23.01 -2.78 30.09
N GLU A 88 22.43 -3.80 29.52
CA GLU A 88 23.17 -4.94 28.96
C GLU A 88 23.08 -5.10 27.44
N GLY A 89 22.18 -4.38 26.77
CA GLY A 89 22.07 -4.47 25.32
C GLY A 89 23.36 -4.17 24.59
N THR A 90 23.51 -4.65 23.36
CA THR A 90 24.58 -4.22 22.49
C THR A 90 23.92 -3.80 21.18
N PHE A 91 24.59 -2.91 20.45
CA PHE A 91 24.00 -2.19 19.32
C PHE A 91 24.83 -2.31 18.05
N PRO A 92 24.18 -2.44 16.89
CA PRO A 92 22.70 -2.45 16.75
C PRO A 92 22.11 -3.81 17.17
N CYS A 93 20.85 -3.80 17.50
CA CYS A 93 20.07 -5.01 17.81
C CYS A 93 18.68 -4.77 17.22
N ILE A 94 17.92 -5.85 17.06
CA ILE A 94 16.56 -5.74 16.53
C ILE A 94 15.61 -5.95 17.69
N ILE A 95 14.56 -5.12 17.77
CA ILE A 95 13.62 -5.20 18.84
C ILE A 95 12.20 -5.24 18.28
N HIS A 96 11.35 -6.02 18.97
CA HIS A 96 9.92 -6.17 18.69
C HIS A 96 9.20 -4.91 19.22
N TRP A 97 8.21 -4.40 18.51
CA TRP A 97 7.69 -3.03 18.70
C TRP A 97 6.17 -3.02 18.49
N ASN A 98 5.44 -2.58 19.52
CA ASN A 98 3.97 -2.56 19.55
C ASN A 98 3.29 -3.90 19.22
N PHE A 99 3.98 -5.01 19.48
CA PHE A 99 3.49 -6.38 19.21
C PHE A 99 3.28 -6.74 17.73
N ASN A 100 3.75 -5.87 16.84
CA ASN A 100 3.39 -5.72 15.42
C ASN A 100 4.53 -5.66 14.39
N HIS A 101 5.71 -5.25 14.88
CA HIS A 101 6.66 -4.47 14.08
C HIS A 101 8.07 -4.78 14.63
N PHE A 102 9.04 -4.63 13.73
CA PHE A 102 10.43 -4.73 14.10
C PHE A 102 11.10 -3.43 13.71
N VAL A 103 11.93 -2.91 14.62
CA VAL A 103 12.76 -1.77 14.36
C VAL A 103 14.20 -2.09 14.78
N VAL A 104 15.15 -1.26 14.32
CA VAL A 104 16.56 -1.42 14.71
C VAL A 104 16.94 -0.43 15.80
N LEU A 105 17.40 -0.93 16.94
CA LEU A 105 17.84 -0.08 18.07
C LEU A 105 19.34 0.19 17.95
N LYS A 106 19.66 1.48 17.84
CA LYS A 106 21.03 1.94 17.70
C LYS A 106 21.69 2.28 19.02
N GLY A 107 20.86 2.63 20.02
CA GLY A 107 21.28 2.88 21.40
C GLY A 107 20.42 3.94 22.07
N PHE A 108 20.94 4.46 23.17
CA PHE A 108 20.27 5.45 24.02
C PHE A 108 21.19 6.64 24.27
N LYS A 109 20.60 7.84 24.38
CA LYS A 109 21.32 8.99 24.91
C LYS A 109 20.30 9.92 25.56
N GLY A 110 20.62 10.37 26.77
CA GLY A 110 19.69 11.20 27.54
C GLY A 110 18.35 10.54 27.75
N LYS A 111 17.27 11.30 27.51
CA LYS A 111 15.91 10.83 27.66
C LYS A 111 15.36 10.21 26.37
N TYR A 112 16.25 9.66 25.53
CA TYR A 112 15.91 9.29 24.14
C TYR A 112 16.54 7.95 23.71
N ALA A 113 15.73 7.16 23.01
CA ALA A 113 16.19 5.96 22.29
C ALA A 113 16.32 6.30 20.81
N TYR A 114 17.38 5.79 20.19
CA TYR A 114 17.69 6.06 18.79
C TYR A 114 17.51 4.79 17.93
N ILE A 115 16.55 4.91 17.03
CA ILE A 115 15.99 3.80 16.27
C ILE A 115 16.00 4.11 14.77
N ASN A 116 16.24 3.09 13.96
CA ASN A 116 15.92 3.10 12.51
C ASN A 116 14.67 2.27 12.38
N ASP A 117 13.54 2.96 12.23
CA ASP A 117 12.26 2.35 12.04
C ASP A 117 12.04 2.16 10.52
N PRO A 118 11.83 0.90 10.05
CA PRO A 118 11.67 0.68 8.59
C PRO A 118 10.46 1.39 7.96
N ALA A 119 9.47 1.74 8.78
CA ALA A 119 8.29 2.52 8.34
C ALA A 119 8.51 4.02 8.37
N LYS A 120 9.49 4.50 9.15
CA LYS A 120 9.64 5.96 9.33
C LYS A 120 11.02 6.52 9.06
N GLY A 121 12.08 5.69 9.00
CA GLY A 121 13.46 6.20 8.92
C GLY A 121 14.07 6.32 10.32
N ASP A 122 15.07 7.17 10.43
CA ASP A 122 15.77 7.38 11.70
C ASP A 122 14.98 8.31 12.66
N VAL A 123 14.59 7.79 13.82
CA VAL A 123 13.77 8.55 14.78
C VAL A 123 14.37 8.55 16.20
N LYS A 124 13.95 9.53 16.99
CA LYS A 124 14.36 9.64 18.39
C LYS A 124 13.10 9.46 19.20
N ILE A 125 13.04 8.40 19.98
CA ILE A 125 11.85 8.08 20.78
C ILE A 125 12.12 8.52 22.25
N PRO A 126 11.24 9.36 22.82
CA PRO A 126 11.30 9.62 24.29
C PRO A 126 11.22 8.34 25.09
N MET A 127 12.01 8.24 26.16
CA MET A 127 12.08 7.04 27.01
C MET A 127 10.78 6.47 27.44
N GLU A 128 9.83 7.33 27.80
CA GLU A 128 8.54 6.87 28.31
C GLU A 128 7.82 6.12 27.21
N GLU A 129 7.81 6.68 26.00
CA GLU A 129 7.21 6.02 24.85
C GLU A 129 8.01 4.75 24.47
N PHE A 130 9.34 4.84 24.44
CA PHE A 130 10.15 3.63 24.25
C PHE A 130 9.73 2.51 25.16
N ASP A 131 9.66 2.81 26.45
CA ASP A 131 9.32 1.82 27.47
C ASP A 131 7.96 1.14 27.23
N ARG A 132 6.96 1.88 26.71
CA ARG A 132 5.69 1.21 26.39
C ARG A 132 5.66 0.46 25.04
N SER A 133 6.43 0.92 24.07
CA SER A 133 6.46 0.37 22.71
C SER A 133 7.36 -0.89 22.57
N PHE A 134 8.49 -0.90 23.25
CA PHE A 134 9.32 -2.11 23.29
C PHE A 134 8.56 -3.24 24.05
N THR A 135 8.34 -4.38 23.39
CA THR A 135 7.56 -5.49 23.98
C THR A 135 8.37 -6.42 24.85
N GLY A 136 9.69 -6.31 24.78
CA GLY A 136 10.56 -7.13 25.57
C GLY A 136 11.46 -8.04 24.79
N ILE A 137 11.15 -8.32 23.52
CA ILE A 137 11.96 -9.26 22.71
C ILE A 137 13.07 -8.50 21.92
N CYS A 138 14.30 -9.00 22.00
CA CYS A 138 15.47 -8.33 21.52
C CYS A 138 16.36 -9.34 20.87
N LEU A 139 16.75 -9.08 19.64
CA LEU A 139 17.66 -9.98 18.94
C LEU A 139 19.00 -9.28 18.92
N ILE A 140 20.02 -10.01 19.37
CA ILE A 140 21.32 -9.53 19.73
C ILE A 140 22.30 -10.27 18.82
N PHE A 141 23.22 -9.51 18.20
CA PHE A 141 24.09 -10.06 17.17
C PHE A 141 25.53 -9.77 17.47
N LYS A 142 26.40 -10.65 17.03
CA LYS A 142 27.83 -10.57 17.27
C LYS A 142 28.48 -11.21 16.02
N PRO A 143 29.62 -10.66 15.55
CA PRO A 143 30.34 -11.30 14.46
C PRO A 143 30.98 -12.66 14.80
N THR A 144 31.48 -13.33 13.76
CA THR A 144 31.38 -14.78 13.52
C THR A 144 32.13 -15.72 14.46
N ASP A 145 33.47 -15.76 14.34
CA ASP A 145 34.33 -16.77 15.00
C ASP A 145 34.11 -16.89 16.51
N ARG A 146 33.74 -15.79 17.15
CA ARG A 146 33.20 -15.79 18.51
C ARG A 146 32.00 -14.85 18.53
N GLN B 5 -39.40 3.18 7.12
CA GLN B 5 -38.11 3.91 7.41
C GLN B 5 -37.13 2.99 8.18
N ILE B 6 -35.92 2.82 7.65
CA ILE B 6 -34.94 1.86 8.20
C ILE B 6 -34.42 2.34 9.55
N GLN B 7 -34.51 1.47 10.56
CA GLN B 7 -34.11 1.77 11.91
C GLN B 7 -32.86 0.96 12.24
N PRO B 8 -32.10 1.41 13.27
CA PRO B 8 -31.03 0.57 13.80
C PRO B 8 -31.59 -0.70 14.43
N VAL B 9 -30.78 -1.74 14.42
CA VAL B 9 -31.08 -3.00 15.06
C VAL B 9 -30.55 -2.92 16.48
N THR B 10 -31.40 -3.29 17.43
CA THR B 10 -31.01 -3.40 18.81
C THR B 10 -30.98 -4.85 19.29
N ARG B 11 -31.42 -5.83 18.46
CA ARG B 11 -31.56 -7.22 18.88
C ARG B 11 -30.49 -8.16 18.33
N GLY B 12 -30.52 -8.44 17.04
CA GLY B 12 -29.64 -9.44 16.44
C GLY B 12 -28.52 -8.73 15.71
N ARG B 13 -28.38 -9.01 14.42
CA ARG B 13 -27.36 -8.42 13.59
C ARG B 13 -27.99 -7.64 12.46
N ALA B 14 -27.32 -6.56 12.04
CA ALA B 14 -27.76 -5.71 10.90
C ALA B 14 -27.18 -6.30 9.63
N LYS B 15 -27.99 -6.35 8.57
CA LYS B 15 -27.50 -6.72 7.25
C LYS B 15 -26.89 -5.47 6.64
N VAL B 16 -25.58 -5.46 6.45
CA VAL B 16 -24.87 -4.25 5.96
C VAL B 16 -23.99 -4.64 4.79
N PRO B 17 -24.10 -3.91 3.67
CA PRO B 17 -23.29 -4.25 2.51
C PRO B 17 -21.81 -3.99 2.76
N VAL B 18 -20.98 -4.85 2.18
CA VAL B 18 -19.53 -4.73 2.23
C VAL B 18 -18.97 -3.69 1.21
N ILE B 19 -18.23 -2.68 1.68
CA ILE B 19 -17.46 -1.71 0.85
C ILE B 19 -16.01 -1.75 1.34
N MET B 20 -15.06 -2.02 0.46
CA MET B 20 -13.66 -2.14 0.83
C MET B 20 -13.03 -0.77 0.75
N GLN B 21 -12.02 -0.51 1.60
CA GLN B 21 -11.20 0.69 1.43
C GLN B 21 -10.37 0.51 0.16
N MET B 22 -10.32 1.54 -0.68
CA MET B 22 -9.50 1.49 -1.93
C MET B 22 -8.04 1.67 -1.62
N GLU B 23 -7.70 2.41 -0.56
CA GLU B 23 -6.35 2.38 0.00
C GLU B 23 -6.40 2.51 1.53
N ALA B 24 -5.26 2.18 2.14
CA ALA B 24 -5.14 1.96 3.60
C ALA B 24 -5.63 3.06 4.57
N LEU B 25 -5.60 4.30 4.15
CA LEU B 25 -5.94 5.42 5.01
C LEU B 25 -7.44 5.66 5.01
N GLU B 26 -8.20 4.96 4.16
CA GLU B 26 -9.62 5.28 3.91
C GLU B 26 -10.68 4.57 4.78
N CYS B 27 -10.25 3.75 5.73
CA CYS B 27 -11.18 2.93 6.56
C CYS B 27 -12.38 3.72 7.18
N GLY B 28 -12.12 4.92 7.67
CA GLY B 28 -13.16 5.81 8.26
C GLY B 28 -14.25 6.09 7.27
N ALA B 29 -13.86 6.48 6.06
CA ALA B 29 -14.78 6.78 5.00
C ALA B 29 -15.56 5.56 4.46
N ALA B 30 -14.86 4.45 4.28
CA ALA B 30 -15.48 3.21 3.88
C ALA B 30 -16.52 2.78 4.93
N SER B 31 -16.20 2.92 6.23
CA SER B 31 -17.05 2.54 7.32
C SER B 31 -18.28 3.45 7.29
N LEU B 32 -18.13 4.77 7.17
CA LEU B 32 -19.36 5.60 7.09
C LEU B 32 -20.17 5.29 5.78
N ALA B 33 -19.50 4.89 4.71
CA ALA B 33 -20.20 4.62 3.43
C ALA B 33 -21.17 3.44 3.60
N MET B 34 -20.67 2.38 4.24
CA MET B 34 -21.48 1.19 4.65
C MET B 34 -22.65 1.55 5.54
N VAL B 35 -22.44 2.43 6.54
CA VAL B 35 -23.56 2.91 7.39
C VAL B 35 -24.60 3.69 6.57
N LEU B 36 -24.13 4.60 5.73
CA LEU B 36 -25.01 5.30 4.79
C LEU B 36 -25.82 4.36 3.84
N ALA B 37 -25.16 3.33 3.34
CA ALA B 37 -25.78 2.33 2.49
C ALA B 37 -26.85 1.51 3.21
N TYR B 38 -26.65 1.22 4.52
CA TYR B 38 -27.66 0.55 5.35
C TYR B 38 -28.95 1.38 5.39
N TYR B 39 -28.81 2.70 5.50
CA TYR B 39 -29.98 3.62 5.56
C TYR B 39 -30.43 4.07 4.16
N LYS B 40 -29.79 3.51 3.11
CA LYS B 40 -30.03 3.87 1.72
C LYS B 40 -29.84 5.37 1.44
N LYS B 41 -28.83 5.97 2.09
CA LYS B 41 -28.40 7.35 1.78
C LYS B 41 -27.26 7.25 0.80
N TRP B 42 -27.57 7.56 -0.45
CA TRP B 42 -26.67 7.31 -1.55
C TRP B 42 -25.78 8.54 -1.68
N VAL B 43 -24.49 8.34 -1.43
CA VAL B 43 -23.50 9.39 -1.45
C VAL B 43 -22.32 8.73 -2.10
N PRO B 44 -21.80 9.33 -3.20
CA PRO B 44 -20.61 8.76 -3.86
C PRO B 44 -19.45 8.53 -2.86
N LEU B 45 -18.74 7.40 -2.95
CA LEU B 45 -17.66 7.14 -2.01
C LEU B 45 -16.59 8.24 -2.02
N GLU B 46 -16.31 8.81 -3.19
CA GLU B 46 -15.34 9.90 -3.31
C GLU B 46 -15.76 11.08 -2.46
N GLN B 47 -17.05 11.38 -2.44
CA GLN B 47 -17.56 12.47 -1.64
C GLN B 47 -17.39 12.20 -0.14
N VAL B 48 -17.64 10.96 0.30
CA VAL B 48 -17.54 10.58 1.69
C VAL B 48 -16.08 10.79 2.21
N ARG B 49 -15.10 10.41 1.38
CA ARG B 49 -13.70 10.55 1.77
C ARG B 49 -13.39 12.00 2.10
N VAL B 50 -13.79 12.86 1.19
CA VAL B 50 -13.53 14.28 1.28
C VAL B 50 -14.30 14.90 2.46
N ASP B 51 -15.54 14.48 2.67
CA ASP B 51 -16.33 15.00 3.79
C ASP B 51 -15.85 14.47 5.14
N CYS B 52 -15.22 13.29 5.17
CA CYS B 52 -14.63 12.79 6.41
C CYS B 52 -13.27 13.41 6.70
N GLY B 53 -12.70 14.12 5.70
CA GLY B 53 -11.38 14.68 5.84
C GLY B 53 -10.25 13.67 5.85
N VAL B 54 -10.29 12.67 5.00
CA VAL B 54 -9.14 11.71 4.90
C VAL B 54 -7.84 12.49 4.67
N SER B 55 -6.84 12.17 5.46
CA SER B 55 -5.55 12.85 5.42
C SER B 55 -4.50 11.73 5.52
N ARG B 56 -3.24 12.13 5.71
CA ARG B 56 -2.14 11.18 5.94
C ARG B 56 -2.26 10.48 7.29
N ASP B 57 -3.12 10.98 8.17
CA ASP B 57 -3.41 10.33 9.46
C ASP B 57 -4.78 9.60 9.48
N GLY B 58 -5.24 9.16 8.31
CA GLY B 58 -6.55 8.55 8.18
C GLY B 58 -7.63 9.58 8.41
N SER B 59 -8.65 9.20 9.18
CA SER B 59 -9.74 10.11 9.57
C SER B 59 -9.84 10.08 11.07
N ASN B 60 -10.59 11.01 11.63
CA ASN B 60 -10.85 11.04 13.05
C ASN B 60 -12.34 11.06 13.35
N ALA B 61 -12.67 10.61 14.56
CA ALA B 61 -14.02 10.28 14.87
C ALA B 61 -14.88 11.53 14.85
N LEU B 62 -14.31 12.68 15.22
CA LEU B 62 -15.12 13.93 15.20
C LEU B 62 -15.59 14.27 13.78
N ASN B 63 -14.71 14.08 12.81
CA ASN B 63 -15.03 14.41 11.41
C ASN B 63 -15.99 13.37 10.78
N VAL B 64 -15.86 12.09 11.18
CA VAL B 64 -16.77 11.06 10.70
C VAL B 64 -18.17 11.40 11.16
N LEU B 65 -18.29 11.75 12.43
CA LEU B 65 -19.58 12.12 13.00
C LEU B 65 -20.18 13.37 12.35
N LYS B 66 -19.36 14.40 12.12
CA LYS B 66 -19.83 15.64 11.45
C LYS B 66 -20.35 15.39 10.04
N ALA B 67 -19.61 14.59 9.28
CA ALA B 67 -20.03 14.20 7.92
C ALA B 67 -21.35 13.41 7.97
N ALA B 68 -21.51 12.49 8.93
CA ALA B 68 -22.75 11.72 9.08
C ALA B 68 -23.95 12.65 9.34
N ARG B 69 -23.72 13.67 10.17
CA ARG B 69 -24.78 14.65 10.53
C ARG B 69 -25.24 15.47 9.35
N ASN B 70 -24.31 15.90 8.49
CA ASN B 70 -24.69 16.64 7.28
C ASN B 70 -25.47 15.75 6.29
N TYR B 71 -25.26 14.44 6.33
CA TYR B 71 -26.07 13.51 5.52
C TYR B 71 -27.39 13.10 6.16
N GLY B 72 -27.79 13.75 7.26
CA GLY B 72 -29.14 13.52 7.84
C GLY B 72 -29.24 12.49 8.96
N LEU B 73 -28.13 11.90 9.36
CA LEU B 73 -28.12 10.99 10.49
C LEU B 73 -27.81 11.73 11.79
N GLU B 74 -28.50 11.37 12.85
CA GLU B 74 -28.09 11.76 14.19
C GLU B 74 -26.89 10.87 14.53
N ALA B 75 -25.87 11.46 15.11
CA ALA B 75 -24.59 10.77 15.37
C ALA B 75 -23.92 11.19 16.70
N LYS B 76 -23.57 10.19 17.52
CA LYS B 76 -22.97 10.40 18.82
C LYS B 76 -21.80 9.46 19.04
N GLY B 77 -20.79 9.94 19.75
CA GLY B 77 -19.59 9.14 20.12
C GLY B 77 -19.59 8.74 21.59
N TYR B 78 -19.43 7.44 21.85
CA TYR B 78 -19.37 6.93 23.18
C TYR B 78 -18.07 6.19 23.43
N ARG B 79 -17.63 6.25 24.69
CA ARG B 79 -16.69 5.32 25.22
C ARG B 79 -17.48 4.26 26.02
N TYR B 80 -17.28 2.98 25.63
CA TYR B 80 -17.99 1.83 26.19
C TYR B 80 -16.93 0.80 26.50
N GLU B 81 -17.07 0.12 27.65
CA GLU B 81 -16.37 -1.15 27.83
C GLU B 81 -17.11 -2.22 26.94
N PRO B 82 -16.39 -3.29 26.56
CA PRO B 82 -16.94 -4.33 25.74
C PRO B 82 -18.29 -4.85 26.20
N GLU B 83 -18.47 -5.12 27.49
CA GLU B 83 -19.72 -5.66 28.03
C GLU B 83 -20.92 -4.71 27.82
N LYS B 84 -20.68 -3.41 27.90
CA LYS B 84 -21.78 -2.44 27.74
C LYS B 84 -22.08 -2.20 26.25
N LEU B 85 -21.09 -2.42 25.39
CA LEU B 85 -21.33 -2.29 23.96
C LEU B 85 -22.33 -3.41 23.56
N LYS B 86 -22.01 -4.64 24.00
CA LYS B 86 -22.86 -5.85 23.80
C LYS B 86 -24.27 -5.71 24.33
N LYS B 87 -24.42 -5.00 25.42
CA LYS B 87 -25.70 -4.84 26.05
C LYS B 87 -26.52 -3.72 25.44
N GLU B 88 -25.89 -2.57 25.22
CA GLU B 88 -26.60 -1.34 24.88
C GLU B 88 -26.33 -0.81 23.45
N GLY B 89 -25.33 -1.36 22.76
CA GLY B 89 -25.04 -0.91 21.39
C GLY B 89 -26.22 -1.00 20.45
N THR B 90 -26.21 -0.24 19.37
CA THR B 90 -27.18 -0.42 18.28
C THR B 90 -26.39 -0.55 17.00
N PHE B 91 -26.97 -1.24 16.01
CA PHE B 91 -26.26 -1.70 14.82
C PHE B 91 -26.91 -1.27 13.53
N PRO B 92 -26.13 -0.91 12.51
CA PRO B 92 -24.66 -0.90 12.56
C PRO B 92 -24.13 0.32 13.33
N CYS B 93 -22.90 0.19 13.78
CA CYS B 93 -22.18 1.29 14.43
C CYS B 93 -20.73 1.18 13.98
N ILE B 94 -19.97 2.25 14.16
CA ILE B 94 -18.56 2.26 13.76
C ILE B 94 -17.75 2.18 15.04
N ILE B 95 -16.70 1.33 15.04
CA ILE B 95 -15.88 1.18 16.20
C ILE B 95 -14.42 1.30 15.84
N HIS B 96 -13.66 1.89 16.78
CA HIS B 96 -12.19 2.09 16.70
C HIS B 96 -11.54 0.72 17.02
N TRP B 97 -10.47 0.38 16.29
CA TRP B 97 -9.96 -1.00 16.24
C TRP B 97 -8.44 -1.00 16.18
N ASN B 98 -7.82 -1.67 17.16
CA ASN B 98 -6.35 -1.72 17.32
C ASN B 98 -5.64 -0.35 17.33
N PHE B 99 -6.36 0.68 17.78
CA PHE B 99 -5.85 2.07 17.90
C PHE B 99 -5.50 2.75 16.55
N ASN B 100 -5.87 2.13 15.45
CA ASN B 100 -5.36 2.30 14.09
C ASN B 100 -6.39 2.49 12.96
N HIS B 101 -7.61 2.01 13.23
CA HIS B 101 -8.47 1.43 12.18
C HIS B 101 -9.92 1.62 12.63
N PHE B 102 -10.79 1.69 11.65
CA PHE B 102 -12.21 1.73 11.87
C PHE B 102 -12.81 0.56 11.13
N VAL B 103 -13.73 -0.13 11.81
CA VAL B 103 -14.54 -1.17 11.20
C VAL B 103 -16.01 -0.92 11.51
N VAL B 104 -16.90 -1.60 10.77
CA VAL B 104 -18.35 -1.55 11.01
C VAL B 104 -18.83 -2.75 11.80
N LEU B 105 -19.42 -2.52 12.97
CA LEU B 105 -19.97 -3.59 13.83
C LEU B 105 -21.45 -3.80 13.50
N LYS B 106 -21.75 -5.03 13.06
CA LYS B 106 -23.10 -5.40 12.65
C LYS B 106 -23.89 -6.03 13.78
N GLY B 107 -23.19 -6.61 14.75
CA GLY B 107 -23.77 -7.18 15.98
C GLY B 107 -22.97 -8.36 16.48
N PHE B 108 -23.60 -9.12 17.38
CA PHE B 108 -23.00 -10.28 18.04
C PHE B 108 -23.94 -11.48 17.93
N LYS B 109 -23.36 -12.67 17.80
CA LYS B 109 -24.10 -13.91 17.99
C LYS B 109 -23.16 -14.99 18.52
N GLY B 110 -23.58 -15.67 19.57
CA GLY B 110 -22.72 -16.63 20.26
C GLY B 110 -21.42 -16.03 20.74
N LYS B 111 -20.32 -16.73 20.50
CA LYS B 111 -18.98 -16.30 20.86
C LYS B 111 -18.31 -15.53 19.71
N TYR B 112 -19.12 -14.80 18.93
CA TYR B 112 -18.65 -14.13 17.70
C TYR B 112 -19.24 -12.71 17.54
N ALA B 113 -18.36 -11.80 17.12
CA ALA B 113 -18.76 -10.46 16.67
C ALA B 113 -18.74 -10.46 15.12
N TYR B 114 -19.73 -9.81 14.55
CA TYR B 114 -19.89 -9.74 13.09
C TYR B 114 -19.61 -8.32 12.57
N ILE B 115 -18.56 -8.23 11.77
CA ILE B 115 -17.91 -6.99 11.39
C ILE B 115 -17.75 -6.93 9.85
N ASN B 116 -17.90 -5.74 9.29
CA ASN B 116 -17.42 -5.41 7.93
C ASN B 116 -16.18 -4.58 8.13
N ASP B 117 -15.03 -5.24 7.96
CA ASP B 117 -13.74 -4.64 8.06
C ASP B 117 -13.36 -4.09 6.65
N PRO B 118 -13.11 -2.78 6.52
CA PRO B 118 -12.78 -2.23 5.17
C PRO B 118 -11.50 -2.79 4.55
N ALA B 119 -10.60 -3.35 5.37
CA ALA B 119 -9.40 -4.04 4.89
C ALA B 119 -9.61 -5.49 4.53
N LYS B 120 -10.65 -6.13 5.06
CA LYS B 120 -10.81 -7.59 4.92
C LYS B 120 -12.16 -8.06 4.41
N GLY B 121 -13.21 -7.23 4.42
CA GLY B 121 -14.54 -7.67 4.03
C GLY B 121 -15.34 -8.05 5.26
N ASP B 122 -16.36 -8.89 5.05
CA ASP B 122 -17.20 -9.36 6.16
C ASP B 122 -16.49 -10.52 6.92
N VAL B 123 -16.24 -10.31 8.22
CA VAL B 123 -15.54 -11.27 9.02
C VAL B 123 -16.29 -11.59 10.34
N LYS B 124 -15.96 -12.75 10.92
CA LYS B 124 -16.49 -13.17 12.21
C LYS B 124 -15.32 -13.17 13.14
N ILE B 125 -15.37 -12.33 14.16
CA ILE B 125 -14.26 -12.21 15.12
C ILE B 125 -14.67 -12.99 16.41
N PRO B 126 -13.83 -13.94 16.84
CA PRO B 126 -14.02 -14.55 18.18
C PRO B 126 -14.05 -13.50 19.28
N MET B 127 -14.93 -13.67 20.26
CA MET B 127 -15.08 -12.70 21.38
C MET B 127 -13.82 -12.29 22.04
N GLU B 128 -12.91 -13.25 22.24
CA GLU B 128 -11.68 -12.94 22.96
C GLU B 128 -10.87 -11.93 22.17
N GLU B 129 -10.75 -12.17 20.86
CA GLU B 129 -10.05 -11.26 19.95
C GLU B 129 -10.83 -9.91 19.86
N PHE B 130 -12.15 -9.97 19.69
CA PHE B 130 -12.94 -8.74 19.73
C PHE B 130 -12.61 -7.89 20.93
N ASP B 131 -12.67 -8.49 22.12
CA ASP B 131 -12.43 -7.80 23.37
C ASP B 131 -11.07 -7.11 23.44
N ARG B 132 -10.03 -7.71 22.86
CA ARG B 132 -8.73 -7.01 22.85
C ARG B 132 -8.56 -5.96 21.74
N SER B 133 -9.24 -6.15 20.61
CA SER B 133 -9.13 -5.27 19.43
C SER B 133 -10.02 -3.99 19.52
N PHE B 134 -11.21 -4.11 20.08
CA PHE B 134 -12.05 -2.93 20.30
C PHE B 134 -11.39 -2.01 21.38
N THR B 135 -11.10 -0.76 21.01
CA THR B 135 -10.41 0.18 21.92
C THR B 135 -11.34 0.91 22.88
N GLY B 136 -12.63 0.84 22.63
CA GLY B 136 -13.59 1.46 23.52
C GLY B 136 -14.43 2.54 22.88
N ILE B 137 -13.99 3.10 21.74
CA ILE B 137 -14.69 4.20 21.07
C ILE B 137 -15.68 3.68 20.01
N CYS B 138 -16.93 4.16 20.06
CA CYS B 138 -18.02 3.62 19.30
C CYS B 138 -18.85 4.77 18.79
N LEU B 139 -19.12 4.81 17.51
CA LEU B 139 -19.94 5.85 16.94
C LEU B 139 -21.27 5.21 16.63
N ILE B 140 -22.34 5.85 17.10
CA ILE B 140 -23.67 5.33 17.20
C ILE B 140 -24.54 6.28 16.38
N PHE B 141 -25.39 5.72 15.51
CA PHE B 141 -26.14 6.50 14.52
C PHE B 141 -27.60 6.15 14.60
N LYS B 142 -28.42 7.13 14.26
CA LYS B 142 -29.87 7.01 14.30
C LYS B 142 -30.36 7.91 13.15
N PRO B 143 -31.38 7.49 12.38
CA PRO B 143 -31.98 8.42 11.41
C PRO B 143 -32.77 9.59 12.06
N THR B 144 -32.98 10.66 11.30
CA THR B 144 -34.10 11.62 11.46
C THR B 144 -34.54 11.91 10.02
N GLN C 5 3.66 -0.94 -9.10
CA GLN C 5 3.49 -2.37 -9.43
C GLN C 5 4.76 -2.90 -10.17
N ILE C 6 5.30 -4.01 -9.66
CA ILE C 6 6.50 -4.63 -10.27
C ILE C 6 6.17 -5.24 -11.63
N GLN C 7 6.94 -4.84 -12.65
CA GLN C 7 6.76 -5.28 -14.01
C GLN C 7 7.91 -6.20 -14.38
N PRO C 8 7.69 -7.04 -15.42
CA PRO C 8 8.80 -7.79 -15.99
C PRO C 8 9.83 -6.83 -16.64
N VAL C 9 11.06 -7.27 -16.68
CA VAL C 9 12.13 -6.59 -17.33
C VAL C 9 12.20 -7.10 -18.76
N THR C 10 12.26 -6.17 -19.71
CA THR C 10 12.50 -6.55 -21.10
C THR C 10 13.90 -6.21 -21.61
N ARG C 11 14.67 -5.46 -20.82
CA ARG C 11 15.93 -4.85 -21.26
C ARG C 11 17.19 -5.46 -20.71
N GLY C 12 17.42 -5.35 -19.41
CA GLY C 12 18.67 -5.88 -18.82
C GLY C 12 18.36 -7.17 -18.10
N ARG C 13 18.69 -7.23 -16.83
CA ARG C 13 18.48 -8.41 -16.02
C ARG C 13 17.55 -8.08 -14.85
N ALA C 14 16.75 -9.08 -14.45
CA ALA C 14 15.86 -8.97 -13.29
C ALA C 14 16.64 -9.32 -12.02
N LYS C 15 16.38 -8.59 -10.95
CA LYS C 15 16.97 -8.93 -9.65
C LYS C 15 16.04 -9.94 -9.02
N VAL C 16 16.46 -11.18 -8.88
CA VAL C 16 15.55 -12.26 -8.39
C VAL C 16 16.24 -13.02 -7.26
N PRO C 17 15.55 -13.17 -6.12
CA PRO C 17 16.16 -13.89 -5.02
C PRO C 17 16.38 -15.36 -5.32
N VAL C 18 17.46 -15.91 -4.80
CA VAL C 18 17.77 -17.32 -4.89
C VAL C 18 17.00 -18.20 -3.88
N ILE C 19 16.24 -19.20 -4.37
CA ILE C 19 15.61 -20.27 -3.54
C ILE C 19 16.11 -21.61 -4.09
N MET C 20 16.71 -22.43 -3.22
CA MET C 20 17.25 -23.73 -3.63
C MET C 20 16.14 -24.77 -3.53
N GLN C 21 16.19 -25.78 -4.40
CA GLN C 21 15.30 -26.93 -4.22
C GLN C 21 15.76 -27.70 -2.97
N MET C 22 14.82 -28.09 -2.11
CA MET C 22 15.13 -28.89 -0.91
C MET C 22 15.41 -30.33 -1.27
N GLU C 23 14.78 -30.84 -2.34
CA GLU C 23 15.23 -32.10 -2.93
C GLU C 23 15.05 -32.07 -4.45
N ALA C 24 15.69 -33.03 -5.11
CA ALA C 24 15.89 -33.06 -6.58
C ALA C 24 14.68 -32.91 -7.50
N LEU C 25 13.51 -33.32 -7.06
CA LEU C 25 12.32 -33.34 -7.89
C LEU C 25 11.63 -31.99 -7.84
N GLU C 26 12.09 -31.06 -6.99
CA GLU C 26 11.36 -29.80 -6.69
C GLU C 26 11.65 -28.57 -7.56
N CYS C 27 12.54 -28.70 -8.53
CA CYS C 27 13.02 -27.54 -9.34
C CYS C 27 11.89 -26.62 -9.92
N GLY C 28 10.80 -27.23 -10.40
CA GLY C 28 9.64 -26.51 -10.95
C GLY C 28 9.06 -25.58 -9.91
N ALA C 29 8.83 -26.12 -8.72
CA ALA C 29 8.29 -25.35 -7.61
C ALA C 29 9.21 -24.26 -7.07
N ALA C 30 10.48 -24.57 -6.93
CA ALA C 30 11.49 -23.60 -6.50
C ALA C 30 11.54 -22.44 -7.54
N SER C 31 11.49 -22.77 -8.83
CA SER C 31 11.55 -21.82 -9.91
C SER C 31 10.29 -20.94 -9.85
N LEU C 32 9.10 -21.51 -9.70
CA LEU C 32 7.92 -20.61 -9.58
C LEU C 32 7.98 -19.77 -8.26
N ALA C 33 8.60 -20.30 -7.22
CA ALA C 33 8.66 -19.58 -5.91
C ALA C 33 9.48 -18.28 -6.09
N MET C 34 10.62 -18.41 -6.75
CA MET C 34 11.46 -17.26 -7.15
C MET C 34 10.74 -16.24 -8.02
N VAL C 35 9.95 -16.69 -9.00
CA VAL C 35 9.13 -15.76 -9.81
C VAL C 35 8.08 -15.03 -8.94
N LEU C 36 7.39 -15.79 -8.10
CA LEU C 36 6.48 -15.21 -7.11
C LEU C 36 7.13 -14.16 -6.19
N ALA C 37 8.33 -14.47 -5.71
CA ALA C 37 9.11 -13.58 -4.84
C ALA C 37 9.52 -12.29 -5.56
N TYR C 38 9.84 -12.37 -6.87
CA TYR C 38 10.13 -11.17 -7.69
C TYR C 38 8.93 -10.20 -7.68
N TYR C 39 7.72 -10.75 -7.77
CA TYR C 39 6.47 -9.91 -7.75
C TYR C 39 5.96 -9.69 -6.32
N LYS C 40 6.72 -10.13 -5.33
CA LYS C 40 6.35 -10.07 -3.91
C LYS C 40 5.01 -10.74 -3.60
N LYS C 41 4.73 -11.85 -4.27
CA LYS C 41 3.57 -12.71 -3.95
C LYS C 41 4.06 -13.78 -3.02
N TRP C 42 3.70 -13.62 -1.75
CA TRP C 42 4.26 -14.42 -0.68
C TRP C 42 3.37 -15.67 -0.56
N VAL C 43 3.95 -16.82 -0.86
CA VAL C 43 3.26 -18.09 -0.87
C VAL C 43 4.27 -19.03 -0.25
N PRO C 44 3.90 -19.73 0.83
CA PRO C 44 4.84 -20.69 1.47
C PRO C 44 5.40 -21.70 0.44
N LEU C 45 6.68 -22.03 0.50
CA LEU C 45 7.25 -22.98 -0.48
C LEU C 45 6.53 -24.32 -0.51
N GLU C 46 6.07 -24.78 0.66
CA GLU C 46 5.34 -26.05 0.77
C GLU C 46 4.07 -25.99 -0.06
N GLN C 47 3.38 -24.85 -0.03
CA GLN C 47 2.16 -24.68 -0.79
C GLN C 47 2.44 -24.73 -2.31
N VAL C 48 3.54 -24.10 -2.75
CA VAL C 48 3.90 -24.04 -4.15
C VAL C 48 4.14 -25.47 -4.71
N ARG C 49 4.83 -26.29 -3.93
CA ARG C 49 5.13 -27.67 -4.35
C ARG C 49 3.84 -28.41 -4.67
N VAL C 50 2.92 -28.31 -3.73
CA VAL C 50 1.65 -29.01 -3.80
C VAL C 50 0.80 -28.45 -4.94
N ASP C 51 0.80 -27.14 -5.12
CA ASP C 51 0.02 -26.53 -6.21
C ASP C 51 0.65 -26.78 -7.58
N CYS C 52 1.97 -27.01 -7.66
CA CYS C 52 2.60 -27.39 -8.91
C CYS C 52 2.44 -28.86 -9.22
N GLY C 53 1.96 -29.64 -8.25
CA GLY C 53 1.84 -31.07 -8.41
C GLY C 53 3.16 -31.82 -8.48
N VAL C 54 4.14 -31.48 -7.65
CA VAL C 54 5.39 -32.27 -7.60
C VAL C 54 5.08 -33.74 -7.37
N SER C 55 5.65 -34.60 -8.20
CA SER C 55 5.41 -36.03 -8.17
C SER C 55 6.79 -36.68 -8.32
N ARG C 56 6.79 -38.00 -8.55
CA ARG C 56 8.04 -38.73 -8.83
C ARG C 56 8.61 -38.39 -10.19
N ASP C 57 7.84 -37.71 -11.04
CA ASP C 57 8.36 -37.19 -12.32
C ASP C 57 8.63 -35.65 -12.31
N GLY C 58 8.93 -35.11 -11.13
CA GLY C 58 9.10 -33.68 -10.97
C GLY C 58 7.77 -32.97 -11.17
N SER C 59 7.80 -31.86 -11.91
CA SER C 59 6.60 -31.09 -12.26
C SER C 59 6.58 -30.96 -13.77
N ASN C 60 5.44 -30.50 -14.28
CA ASN C 60 5.32 -30.24 -15.71
C ASN C 60 4.82 -28.82 -15.96
N ALA C 61 5.11 -28.33 -17.16
CA ALA C 61 4.98 -26.96 -17.48
C ALA C 61 3.52 -26.56 -17.40
N LEU C 62 2.60 -27.45 -17.75
CA LEU C 62 1.15 -27.08 -17.71
C LEU C 62 0.72 -26.78 -16.26
N ASN C 63 1.21 -27.58 -15.33
CA ASN C 63 0.84 -27.41 -13.90
C ASN C 63 1.54 -26.18 -13.26
N VAL C 64 2.78 -25.89 -13.69
CA VAL C 64 3.48 -24.71 -13.19
C VAL C 64 2.70 -23.48 -13.61
N LEU C 65 2.30 -23.44 -14.87
CA LEU C 65 1.55 -22.32 -15.40
C LEU C 65 0.18 -22.17 -14.71
N LYS C 66 -0.53 -23.27 -14.49
CA LYS C 66 -1.85 -23.22 -13.79
C LYS C 66 -1.75 -22.70 -12.37
N ALA C 67 -0.74 -23.18 -11.64
CA ALA C 67 -0.47 -22.69 -10.26
C ALA C 67 -0.13 -21.17 -10.29
N ALA C 68 0.66 -20.72 -11.26
CA ALA C 68 1.00 -19.30 -11.39
C ALA C 68 -0.25 -18.43 -11.59
N ARG C 69 -1.18 -18.95 -12.41
CA ARG C 69 -2.43 -18.25 -12.72
C ARG C 69 -3.33 -18.10 -11.52
N ASN C 70 -3.43 -19.13 -10.69
CA ASN C 70 -4.22 -19.04 -9.45
C ASN C 70 -3.62 -18.05 -8.46
N TYR C 71 -2.29 -17.82 -8.52
CA TYR C 71 -1.65 -16.78 -7.70
C TYR C 71 -1.70 -15.37 -8.32
N GLY C 72 -2.48 -15.18 -9.39
CA GLY C 72 -2.72 -13.83 -9.94
C GLY C 72 -1.81 -13.38 -11.07
N LEU C 73 -0.89 -14.24 -11.51
CA LEU C 73 -0.04 -13.93 -12.65
C LEU C 73 -0.68 -14.43 -13.95
N GLU C 74 -0.60 -13.63 -15.00
CA GLU C 74 -0.85 -14.12 -16.32
C GLU C 74 0.38 -14.96 -16.73
N ALA C 75 0.12 -16.11 -17.33
CA ALA C 75 1.17 -17.08 -17.63
C ALA C 75 0.97 -17.81 -18.97
N LYS C 76 2.00 -17.81 -19.82
CA LYS C 76 1.95 -18.43 -21.13
C LYS C 76 3.21 -19.22 -21.42
N GLY C 77 3.06 -20.33 -22.15
CA GLY C 77 4.17 -21.20 -22.56
C GLY C 77 4.54 -21.02 -24.04
N TYR C 78 5.81 -20.78 -24.30
CA TYR C 78 6.31 -20.63 -25.65
C TYR C 78 7.41 -21.64 -25.93
N ARG C 79 7.50 -22.04 -27.20
CA ARG C 79 8.69 -22.63 -27.76
C ARG C 79 9.40 -21.50 -28.53
N TYR C 80 10.67 -21.27 -28.17
CA TYR C 80 11.53 -20.24 -28.73
C TYR C 80 12.83 -20.91 -29.07
N GLU C 81 13.40 -20.56 -30.22
CA GLU C 81 14.82 -20.78 -30.44
C GLU C 81 15.60 -19.76 -29.58
N PRO C 82 16.86 -20.09 -29.25
CA PRO C 82 17.69 -19.25 -28.41
C PRO C 82 17.72 -17.78 -28.79
N GLU C 83 17.88 -17.48 -30.08
CA GLU C 83 17.99 -16.10 -30.57
C GLU C 83 16.69 -15.31 -30.36
N LYS C 84 15.55 -15.97 -30.44
CA LYS C 84 14.25 -15.26 -30.24
C LYS C 84 13.96 -15.10 -28.73
N LEU C 85 14.51 -15.98 -27.91
CA LEU C 85 14.34 -15.80 -26.46
C LEU C 85 15.08 -14.51 -26.05
N LYS C 86 16.32 -14.39 -26.51
CA LYS C 86 17.20 -13.19 -26.31
C LYS C 86 16.57 -11.90 -26.80
N LYS C 87 15.82 -11.98 -27.86
CA LYS C 87 15.23 -10.82 -28.49
C LYS C 87 13.92 -10.43 -27.85
N GLU C 88 13.04 -11.41 -27.62
CA GLU C 88 11.67 -11.15 -27.22
C GLU C 88 11.30 -11.59 -25.80
N GLY C 89 12.16 -12.37 -25.15
CA GLY C 89 11.83 -12.84 -23.78
C GLY C 89 11.63 -11.67 -22.81
N THR C 90 10.92 -11.93 -21.71
CA THR C 90 10.86 -11.03 -20.60
C THR C 90 11.27 -11.77 -19.36
N PHE C 91 11.77 -11.02 -18.36
CA PHE C 91 12.46 -11.59 -17.21
C PHE C 91 11.86 -11.12 -15.89
N PRO C 92 11.79 -12.00 -14.88
CA PRO C 92 12.26 -13.40 -14.96
C PRO C 92 11.25 -14.27 -15.75
N CYS C 93 11.74 -15.39 -16.24
CA CYS C 93 10.92 -16.41 -16.89
C CYS C 93 11.50 -17.75 -16.49
N ILE C 94 10.72 -18.82 -16.67
CA ILE C 94 11.18 -20.16 -16.32
C ILE C 94 11.49 -20.88 -17.63
N ILE C 95 12.62 -21.59 -17.68
CA ILE C 95 13.01 -22.29 -18.85
C ILE C 95 13.38 -23.74 -18.53
N HIS C 96 13.05 -24.62 -19.48
CA HIS C 96 13.31 -26.07 -19.45
C HIS C 96 14.79 -26.27 -19.80
N TRP C 97 15.46 -27.21 -19.14
CA TRP C 97 16.94 -27.26 -19.12
C TRP C 97 17.40 -28.72 -19.12
N ASN C 98 18.21 -29.06 -20.11
CA ASN C 98 18.71 -30.44 -20.35
C ASN C 98 17.61 -31.53 -20.40
N PHE C 99 16.39 -31.14 -20.80
CA PHE C 99 15.21 -32.02 -20.92
C PHE C 99 14.69 -32.60 -19.60
N ASN C 100 15.19 -32.11 -18.47
CA ASN C 100 14.95 -32.73 -17.15
C ASN C 100 14.78 -31.82 -15.94
N HIS C 101 14.89 -30.50 -16.16
CA HIS C 101 15.16 -29.55 -15.10
C HIS C 101 14.51 -28.21 -15.49
N PHE C 102 14.19 -27.43 -14.47
CA PHE C 102 13.72 -26.08 -14.64
C PHE C 102 14.64 -25.15 -13.89
N VAL C 103 15.00 -24.04 -14.54
CA VAL C 103 15.75 -22.96 -13.93
C VAL C 103 15.04 -21.63 -14.21
N VAL C 104 15.41 -20.60 -13.44
CA VAL C 104 14.90 -19.24 -13.64
C VAL C 104 15.88 -18.38 -14.43
N LEU C 105 15.44 -17.85 -15.59
CA LEU C 105 16.26 -16.96 -16.42
C LEU C 105 15.99 -15.51 -16.05
N LYS C 106 17.06 -14.84 -15.61
CA LYS C 106 17.00 -13.44 -15.18
C LYS C 106 17.32 -12.46 -16.29
N GLY C 107 18.08 -12.93 -17.29
CA GLY C 107 18.41 -12.18 -18.52
C GLY C 107 19.79 -12.54 -19.02
N PHE C 108 20.31 -11.68 -19.90
CA PHE C 108 21.58 -11.86 -20.60
C PHE C 108 22.44 -10.59 -20.48
N LYS C 109 23.76 -10.77 -20.41
CA LYS C 109 24.69 -9.67 -20.58
C LYS C 109 26.01 -10.22 -21.11
N GLY C 110 26.56 -9.58 -22.14
CA GLY C 110 27.78 -10.05 -22.78
C GLY C 110 27.64 -11.46 -23.32
N LYS C 111 28.64 -12.28 -23.05
CA LYS C 111 28.70 -13.68 -23.45
C LYS C 111 28.08 -14.59 -22.40
N TYR C 112 27.11 -14.09 -21.62
CA TYR C 112 26.59 -14.80 -20.43
C TYR C 112 25.07 -14.68 -20.27
N ALA C 113 24.46 -15.80 -19.88
CA ALA C 113 23.09 -15.86 -19.40
C ALA C 113 23.13 -15.93 -17.86
N TYR C 114 22.20 -15.22 -17.24
CA TYR C 114 22.12 -15.12 -15.78
C TYR C 114 20.86 -15.85 -15.26
N ILE C 115 21.15 -16.90 -14.49
CA ILE C 115 20.18 -17.90 -14.11
C ILE C 115 20.21 -18.10 -12.58
N ASN C 116 19.05 -18.35 -12.00
CA ASN C 116 18.92 -18.95 -10.65
C ASN C 116 18.54 -20.39 -10.87
N ASP C 117 19.52 -21.27 -10.75
CA ASP C 117 19.35 -22.70 -10.88
C ASP C 117 19.00 -23.29 -9.49
N PRO C 118 17.84 -23.94 -9.34
CA PRO C 118 17.46 -24.47 -8.00
C PRO C 118 18.41 -25.53 -7.43
N ALA C 119 19.20 -26.17 -8.29
CA ALA C 119 20.25 -27.12 -7.85
C ALA C 119 21.58 -26.45 -7.53
N LYS C 120 21.84 -25.25 -8.04
CA LYS C 120 23.16 -24.63 -7.91
C LYS C 120 23.18 -23.22 -7.36
N GLY C 121 22.06 -22.50 -7.31
CA GLY C 121 22.05 -21.10 -6.90
C GLY C 121 22.16 -20.17 -8.09
N ASP C 122 22.63 -18.95 -7.85
CA ASP C 122 22.80 -17.98 -8.95
C ASP C 122 24.09 -18.25 -9.75
N VAL C 123 23.93 -18.52 -11.05
CA VAL C 123 25.06 -18.86 -11.91
C VAL C 123 25.10 -18.00 -13.20
N LYS C 124 26.27 -17.95 -13.80
CA LYS C 124 26.47 -17.26 -15.09
C LYS C 124 26.84 -18.33 -16.06
N ILE C 125 25.98 -18.57 -17.06
CA ILE C 125 26.23 -19.61 -18.05
C ILE C 125 26.79 -18.94 -19.34
N PRO C 126 27.97 -19.39 -19.82
CA PRO C 126 28.45 -18.95 -21.14
C PRO C 126 27.42 -19.25 -22.24
N MET C 127 27.25 -18.31 -23.18
CA MET C 127 26.22 -18.40 -24.23
C MET C 127 26.17 -19.69 -24.97
N GLU C 128 27.34 -20.24 -25.29
CA GLU C 128 27.39 -21.47 -26.09
C GLU C 128 26.74 -22.61 -25.30
N GLU C 129 27.09 -22.71 -24.02
CA GLU C 129 26.52 -23.70 -23.11
C GLU C 129 25.02 -23.41 -22.89
N PHE C 130 24.66 -22.17 -22.64
CA PHE C 130 23.24 -21.80 -22.59
C PHE C 130 22.47 -22.36 -23.78
N ASP C 131 22.97 -22.05 -24.97
CA ASP C 131 22.33 -22.48 -26.23
C ASP C 131 22.14 -24.00 -26.33
N ARG C 132 23.07 -24.79 -25.82
CA ARG C 132 22.91 -26.26 -25.83
C ARG C 132 21.97 -26.79 -24.72
N SER C 133 21.95 -26.13 -23.55
CA SER C 133 21.18 -26.58 -22.39
C SER C 133 19.69 -26.15 -22.42
N PHE C 134 19.42 -24.95 -22.92
CA PHE C 134 18.02 -24.53 -23.12
C PHE C 134 17.33 -25.41 -24.20
N THR C 135 16.24 -26.06 -23.83
CA THR C 135 15.55 -27.01 -24.75
C THR C 135 14.54 -26.33 -25.67
N GLY C 136 14.21 -25.09 -25.37
CA GLY C 136 13.29 -24.35 -26.20
C GLY C 136 12.02 -23.92 -25.51
N ILE C 137 11.66 -24.56 -24.37
CA ILE C 137 10.40 -24.25 -23.69
C ILE C 137 10.62 -23.18 -22.60
N CYS C 138 9.74 -22.15 -22.60
CA CYS C 138 9.93 -20.96 -21.83
C CYS C 138 8.58 -20.56 -21.29
N LEU C 139 8.49 -20.34 -19.99
CA LEU C 139 7.26 -19.92 -19.39
C LEU C 139 7.46 -18.46 -19.05
N ILE C 140 6.51 -17.63 -19.49
CA ILE C 140 6.60 -16.19 -19.54
C ILE C 140 5.43 -15.68 -18.69
N PHE C 141 5.70 -14.71 -17.81
CA PHE C 141 4.76 -14.28 -16.80
C PHE C 141 4.60 -12.78 -16.83
N LYS C 142 3.44 -12.32 -16.40
CA LYS C 142 3.07 -10.90 -16.41
C LYS C 142 2.07 -10.75 -15.26
N PRO C 143 2.15 -9.67 -14.46
CA PRO C 143 1.07 -9.43 -13.48
C PRO C 143 -0.29 -9.06 -14.10
N THR C 144 -1.36 -9.14 -13.30
CA THR C 144 -2.72 -8.78 -13.76
C THR C 144 -3.29 -7.61 -12.95
N GLN D 5 -2.97 3.23 -10.61
CA GLN D 5 -2.66 4.71 -10.57
C GLN D 5 -3.71 5.51 -11.37
N ILE D 6 -4.33 6.49 -10.70
CA ILE D 6 -5.47 7.23 -11.29
C ILE D 6 -4.98 8.13 -12.44
N GLN D 7 -5.63 7.98 -13.59
CA GLN D 7 -5.27 8.72 -14.80
C GLN D 7 -6.39 9.74 -15.08
N PRO D 8 -6.07 10.78 -15.87
CA PRO D 8 -7.13 11.64 -16.39
C PRO D 8 -8.05 10.89 -17.35
N VAL D 9 -9.27 11.33 -17.43
CA VAL D 9 -10.27 10.81 -18.33
C VAL D 9 -10.18 11.64 -19.62
N THR D 10 -10.11 10.93 -20.75
CA THR D 10 -10.18 11.58 -22.05
C THR D 10 -11.49 11.32 -22.78
N ARG D 11 -12.36 10.43 -22.26
CA ARG D 11 -13.55 9.96 -23.00
C ARG D 11 -14.87 10.50 -22.46
N GLY D 12 -15.25 10.09 -21.27
CA GLY D 12 -16.56 10.49 -20.71
C GLY D 12 -16.34 11.60 -19.69
N ARG D 13 -16.82 11.38 -18.48
CA ARG D 13 -16.71 12.34 -17.41
C ARG D 13 -15.93 11.76 -16.25
N ALA D 14 -15.23 12.64 -15.53
CA ALA D 14 -14.46 12.26 -14.32
C ALA D 14 -15.40 12.35 -13.12
N LYS D 15 -15.28 11.37 -12.22
CA LYS D 15 -16.00 11.41 -10.95
C LYS D 15 -15.17 12.25 -10.01
N VAL D 16 -15.64 13.44 -9.65
CA VAL D 16 -14.82 14.36 -8.81
C VAL D 16 -15.64 14.84 -7.62
N PRO D 17 -15.09 14.71 -6.42
CA PRO D 17 -15.85 15.14 -5.25
C PRO D 17 -16.05 16.65 -5.23
N VAL D 18 -17.21 17.07 -4.72
CA VAL D 18 -17.54 18.47 -4.52
C VAL D 18 -16.91 19.09 -3.25
N ILE D 19 -16.12 20.16 -3.41
CA ILE D 19 -15.56 21.00 -2.30
C ILE D 19 -16.00 22.42 -2.56
N MET D 20 -16.69 23.03 -1.60
CA MET D 20 -17.21 24.39 -1.75
C MET D 20 -16.13 25.36 -1.28
N GLN D 21 -16.10 26.55 -1.89
CA GLN D 21 -15.25 27.61 -1.36
C GLN D 21 -15.87 28.08 -0.02
N MET D 22 -15.03 28.26 1.00
CA MET D 22 -15.51 28.78 2.31
C MET D 22 -15.79 30.26 2.26
N GLU D 23 -15.04 31.00 1.44
CA GLU D 23 -15.42 32.36 1.09
C GLU D 23 -15.06 32.68 -0.36
N ALA D 24 -15.64 33.78 -0.86
CA ALA D 24 -15.69 34.13 -2.29
C ALA D 24 -14.36 34.18 -3.08
N LEU D 25 -13.26 34.49 -2.41
CA LEU D 25 -11.99 34.69 -3.07
C LEU D 25 -11.28 33.36 -3.26
N GLU D 26 -11.81 32.27 -2.70
CA GLU D 26 -11.09 30.98 -2.62
C GLU D 26 -11.28 29.98 -3.77
N CYS D 27 -12.04 30.34 -4.81
CA CYS D 27 -12.40 29.39 -5.91
C CYS D 27 -11.20 28.63 -6.52
N GLY D 28 -10.09 29.32 -6.73
CA GLY D 28 -8.83 28.73 -7.26
C GLY D 28 -8.38 27.58 -6.41
N ALA D 29 -8.29 27.82 -5.12
CA ALA D 29 -7.88 26.81 -4.16
C ALA D 29 -8.85 25.63 -3.99
N ALA D 30 -10.14 25.92 -3.93
CA ALA D 30 -11.17 24.88 -3.90
C ALA D 30 -11.09 24.01 -5.15
N SER D 31 -10.88 24.63 -6.32
CA SER D 31 -10.80 23.94 -7.59
C SER D 31 -9.54 23.06 -7.58
N LEU D 32 -8.38 23.56 -7.16
CA LEU D 32 -7.21 22.64 -7.09
C LEU D 32 -7.41 21.52 -6.03
N ALA D 33 -8.16 21.81 -4.97
CA ALA D 33 -8.38 20.81 -3.89
C ALA D 33 -9.14 19.60 -4.46
N MET D 34 -10.21 19.90 -5.22
CA MET D 34 -10.99 18.88 -5.98
C MET D 34 -10.14 18.07 -6.94
N VAL D 35 -9.24 18.73 -7.70
CA VAL D 35 -8.32 18.00 -8.59
C VAL D 35 -7.37 17.09 -7.80
N LEU D 36 -6.79 17.61 -6.72
CA LEU D 36 -5.98 16.81 -5.80
C LEU D 36 -6.72 15.59 -5.22
N ALA D 37 -7.99 15.80 -4.83
CA ALA D 37 -8.84 14.74 -4.29
C ALA D 37 -9.13 13.64 -5.34
N TYR D 38 -9.30 14.02 -6.61
CA TYR D 38 -9.46 13.05 -7.71
C TYR D 38 -8.25 12.11 -7.79
N TYR D 39 -7.05 12.65 -7.61
CA TYR D 39 -5.80 11.84 -7.64
C TYR D 39 -5.42 11.28 -6.26
N LYS D 40 -6.30 11.48 -5.29
CA LYS D 40 -6.11 11.07 -3.89
C LYS D 40 -4.84 11.64 -3.26
N LYS D 41 -4.50 12.90 -3.62
CA LYS D 41 -3.42 13.64 -2.94
C LYS D 41 -4.06 14.46 -1.86
N TRP D 42 -3.88 14.00 -0.63
CA TRP D 42 -4.59 14.53 0.51
C TRP D 42 -3.74 15.67 1.05
N VAL D 43 -4.27 16.88 0.95
CA VAL D 43 -3.59 18.11 1.31
C VAL D 43 -4.66 18.90 1.99
N PRO D 44 -4.43 19.34 3.24
CA PRO D 44 -5.44 20.15 3.96
C PRO D 44 -5.89 21.36 3.11
N LEU D 45 -7.17 21.69 3.10
CA LEU D 45 -7.63 22.85 2.30
C LEU D 45 -6.93 24.14 2.67
N GLU D 46 -6.64 24.32 3.96
CA GLU D 46 -5.93 25.53 4.44
C GLU D 46 -4.56 25.62 3.78
N GLN D 47 -3.88 24.47 3.64
CA GLN D 47 -2.58 24.47 3.01
C GLN D 47 -2.67 24.89 1.50
N VAL D 48 -3.71 24.39 0.81
CA VAL D 48 -3.90 24.67 -0.59
C VAL D 48 -4.08 26.19 -0.83
N ARG D 49 -4.87 26.84 0.03
CA ARG D 49 -5.13 28.28 -0.09
C ARG D 49 -3.81 29.04 -0.07
N VAL D 50 -3.00 28.71 0.93
CA VAL D 50 -1.73 29.37 1.16
C VAL D 50 -0.76 29.07 0.03
N ASP D 51 -0.74 27.84 -0.45
CA ASP D 51 0.16 27.48 -1.56
C ASP D 51 -0.30 28.06 -2.90
N CYS D 52 -1.58 28.32 -3.06
CA CYS D 52 -2.07 28.99 -4.27
C CYS D 52 -1.88 30.50 -4.21
N GLY D 53 -1.54 31.02 -3.03
CA GLY D 53 -1.42 32.45 -2.83
C GLY D 53 -2.74 33.22 -2.89
N VAL D 54 -3.80 32.70 -2.30
CA VAL D 54 -5.06 33.47 -2.24
C VAL D 54 -4.84 34.84 -1.64
N SER D 55 -5.32 35.87 -2.32
CA SER D 55 -5.11 37.25 -1.90
C SER D 55 -6.47 37.93 -2.08
N ARG D 56 -6.48 39.26 -1.98
CA ARG D 56 -7.68 40.08 -2.24
C ARG D 56 -8.10 40.04 -3.70
N ASP D 57 -7.21 39.57 -4.59
CA ASP D 57 -7.56 39.38 -6.01
C ASP D 57 -7.78 37.89 -6.40
N GLY D 58 -8.22 37.09 -5.44
CA GLY D 58 -8.42 35.67 -5.65
C GLY D 58 -7.06 35.01 -5.81
N SER D 59 -6.96 34.10 -6.80
CA SER D 59 -5.71 33.44 -7.18
C SER D 59 -5.52 33.65 -8.65
N ASN D 60 -4.34 33.32 -9.13
CA ASN D 60 -4.03 33.41 -10.56
C ASN D 60 -3.49 32.07 -11.06
N ALA D 61 -3.61 31.90 -12.38
CA ALA D 61 -3.44 30.61 -12.94
C ALA D 61 -2.00 30.15 -12.77
N LEU D 62 -1.04 31.08 -12.81
CA LEU D 62 0.38 30.68 -12.66
C LEU D 62 0.63 30.06 -11.28
N ASN D 63 0.02 30.63 -10.24
CA ASN D 63 0.22 30.13 -8.87
C ASN D 63 -0.54 28.82 -8.61
N VAL D 64 -1.71 28.63 -9.25
CA VAL D 64 -2.44 27.38 -9.13
C VAL D 64 -1.60 26.27 -9.71
N LEU D 65 -1.03 26.52 -10.89
CA LEU D 65 -0.19 25.57 -11.56
C LEU D 65 1.09 25.24 -10.76
N LYS D 66 1.73 26.25 -10.19
CA LYS D 66 2.95 26.05 -9.36
C LYS D 66 2.69 25.19 -8.13
N ALA D 67 1.58 25.48 -7.45
CA ALA D 67 1.17 24.69 -6.29
C ALA D 67 0.89 23.23 -6.70
N ALA D 68 0.21 23.02 -7.85
CA ALA D 68 -0.07 21.67 -8.33
C ALA D 68 1.21 20.88 -8.58
N ARG D 69 2.21 21.56 -9.14
CA ARG D 69 3.52 20.94 -9.45
C ARG D 69 4.27 20.50 -8.22
N ASN D 70 4.27 21.31 -7.17
CA ASN D 70 4.87 20.92 -5.88
C ASN D 70 4.18 19.71 -5.24
N TYR D 71 2.89 19.54 -5.50
CA TYR D 71 2.16 18.33 -5.03
C TYR D 71 2.30 17.12 -5.96
N GLY D 72 3.20 17.17 -6.95
CA GLY D 72 3.54 15.99 -7.76
C GLY D 72 2.79 15.82 -9.06
N LEU D 73 1.90 16.77 -9.40
CA LEU D 73 1.19 16.73 -10.67
C LEU D 73 1.96 17.52 -11.73
N GLU D 74 1.99 16.99 -12.94
CA GLU D 74 2.40 17.77 -14.09
C GLU D 74 1.21 18.70 -14.40
N ALA D 75 1.52 19.95 -14.68
CA ALA D 75 0.50 21.00 -14.88
C ALA D 75 0.85 21.99 -15.98
N LYS D 76 -0.08 22.19 -16.92
CA LYS D 76 0.12 23.07 -18.07
C LYS D 76 -1.12 23.96 -18.29
N GLY D 77 -0.88 25.18 -18.73
CA GLY D 77 -1.96 26.13 -19.06
C GLY D 77 -2.14 26.32 -20.57
N TYR D 78 -3.38 26.15 -21.05
CA TYR D 78 -3.67 26.33 -22.43
C TYR D 78 -4.74 27.39 -22.61
N ARG D 79 -4.68 28.07 -23.74
CA ARG D 79 -5.79 28.78 -24.31
C ARG D 79 -6.40 27.89 -25.40
N TYR D 80 -7.71 27.62 -25.26
CA TYR D 80 -8.48 26.75 -26.13
C TYR D 80 -9.74 27.50 -26.47
N GLU D 81 -10.17 27.43 -27.71
CA GLU D 81 -11.55 27.72 -28.06
C GLU D 81 -12.43 26.58 -27.56
N PRO D 82 -13.71 26.86 -27.32
CA PRO D 82 -14.64 25.87 -26.78
C PRO D 82 -14.63 24.54 -27.53
N GLU D 83 -14.63 24.56 -28.87
CA GLU D 83 -14.67 23.34 -29.67
C GLU D 83 -13.43 22.46 -29.46
N LYS D 84 -12.27 23.08 -29.25
CA LYS D 84 -11.03 22.29 -29.06
C LYS D 84 -10.93 21.78 -27.62
N LEU D 85 -11.56 22.48 -26.67
CA LEU D 85 -11.56 22.00 -25.30
C LEU D 85 -12.36 20.64 -25.29
N LYS D 86 -13.55 20.68 -25.91
CA LYS D 86 -14.43 19.50 -26.12
C LYS D 86 -13.77 18.31 -26.79
N LYS D 87 -12.90 18.60 -27.73
CA LYS D 87 -12.25 17.58 -28.49
C LYS D 87 -11.03 17.03 -27.78
N GLU D 88 -10.18 17.90 -27.26
CA GLU D 88 -8.85 17.53 -26.79
C GLU D 88 -8.63 17.66 -25.27
N GLY D 89 -9.57 18.28 -24.54
CA GLY D 89 -9.42 18.40 -23.10
C GLY D 89 -9.22 17.06 -22.40
N THR D 90 -8.68 17.05 -21.19
CA THR D 90 -8.68 15.87 -20.34
C THR D 90 -9.24 16.31 -19.00
N PHE D 91 -9.85 15.36 -18.27
CA PHE D 91 -10.67 15.65 -17.11
C PHE D 91 -10.23 14.89 -15.86
N PRO D 92 -10.29 15.52 -14.69
CA PRO D 92 -10.76 16.91 -14.51
C PRO D 92 -9.69 17.92 -14.92
N CYS D 93 -10.13 19.12 -15.20
CA CYS D 93 -9.25 20.26 -15.51
C CYS D 93 -9.89 21.49 -14.87
N ILE D 94 -9.12 22.56 -14.72
CA ILE D 94 -9.64 23.79 -14.13
C ILE D 94 -9.80 24.79 -15.27
N ILE D 95 -10.93 25.51 -15.29
CA ILE D 95 -11.19 26.48 -16.32
C ILE D 95 -11.60 27.81 -15.72
N HIS D 96 -11.18 28.88 -16.39
CA HIS D 96 -11.46 30.29 -16.05
C HIS D 96 -12.90 30.59 -16.52
N TRP D 97 -13.66 31.35 -15.74
CA TRP D 97 -15.13 31.42 -15.88
C TRP D 97 -15.61 32.84 -15.59
N ASN D 98 -16.31 33.43 -16.57
CA ASN D 98 -16.79 34.82 -16.53
C ASN D 98 -15.70 35.87 -16.20
N PHE D 99 -14.45 35.58 -16.52
CA PHE D 99 -13.28 36.47 -16.28
C PHE D 99 -12.95 36.73 -14.78
N ASN D 100 -13.58 35.98 -13.90
CA ASN D 100 -13.78 36.22 -12.47
C ASN D 100 -13.44 35.09 -11.49
N HIS D 101 -13.47 33.86 -12.01
CA HIS D 101 -13.88 32.68 -11.25
C HIS D 101 -13.17 31.46 -11.87
N PHE D 102 -12.95 30.46 -11.03
CA PHE D 102 -12.44 29.19 -11.46
C PHE D 102 -13.44 28.13 -11.05
N VAL D 103 -13.71 27.21 -11.98
CA VAL D 103 -14.50 26.03 -11.72
C VAL D 103 -13.75 24.79 -12.21
N VAL D 104 -14.20 23.61 -11.76
CA VAL D 104 -13.63 22.32 -12.20
C VAL D 104 -14.49 21.67 -13.28
N LEU D 105 -13.91 21.42 -14.45
CA LEU D 105 -14.61 20.76 -15.56
C LEU D 105 -14.37 19.25 -15.52
N LYS D 106 -15.47 18.51 -15.37
CA LYS D 106 -15.46 17.06 -15.27
C LYS D 106 -15.63 16.37 -16.62
N GLY D 107 -16.27 17.06 -17.57
CA GLY D 107 -16.43 16.64 -18.97
C GLY D 107 -17.72 17.13 -19.55
N PHE D 108 -18.14 16.50 -20.66
CA PHE D 108 -19.33 16.85 -21.45
C PHE D 108 -20.17 15.61 -21.71
N LYS D 109 -21.48 15.77 -21.80
CA LYS D 109 -22.38 14.76 -22.34
C LYS D 109 -23.62 15.43 -22.90
N GLY D 110 -23.99 15.08 -24.12
CA GLY D 110 -25.11 15.71 -24.80
C GLY D 110 -24.96 17.22 -24.92
N LYS D 111 -26.03 17.95 -24.58
CA LYS D 111 -26.09 19.38 -24.62
C LYS D 111 -25.62 20.02 -23.30
N TYR D 112 -24.75 19.31 -22.54
CA TYR D 112 -24.38 19.70 -21.17
C TYR D 112 -22.88 19.54 -20.87
N ALA D 113 -22.35 20.53 -20.16
CA ALA D 113 -21.03 20.47 -19.51
C ALA D 113 -21.24 20.16 -18.03
N TYR D 114 -20.38 19.31 -17.48
CA TYR D 114 -20.47 18.88 -16.08
C TYR D 114 -19.30 19.46 -15.27
N ILE D 115 -19.69 20.32 -14.32
CA ILE D 115 -18.81 21.19 -13.60
C ILE D 115 -19.02 21.04 -12.07
N ASN D 116 -17.94 21.13 -11.31
CA ASN D 116 -17.97 21.39 -9.86
C ASN D 116 -17.60 22.84 -9.70
N ASP D 117 -18.61 23.68 -9.49
CA ASP D 117 -18.44 25.08 -9.25
C ASP D 117 -18.26 25.31 -7.72
N PRO D 118 -17.12 25.90 -7.29
CA PRO D 118 -16.91 26.10 -5.83
C PRO D 118 -17.94 27.01 -5.15
N ALA D 119 -18.64 27.85 -5.92
CA ALA D 119 -19.74 28.68 -5.40
C ALA D 119 -21.09 27.97 -5.41
N LYS D 120 -21.26 26.92 -6.20
CA LYS D 120 -22.59 26.30 -6.38
C LYS D 120 -22.67 24.81 -6.17
N GLY D 121 -21.55 24.09 -6.16
CA GLY D 121 -21.58 22.62 -6.11
C GLY D 121 -21.51 22.02 -7.50
N ASP D 122 -21.99 20.81 -7.60
CA ASP D 122 -22.05 20.02 -8.83
C ASP D 122 -23.18 20.46 -9.74
N VAL D 123 -22.89 21.00 -10.92
CA VAL D 123 -23.92 21.56 -11.80
C VAL D 123 -23.79 21.04 -13.25
N LYS D 124 -24.88 21.14 -13.99
CA LYS D 124 -24.92 20.81 -15.41
C LYS D 124 -25.18 22.11 -16.12
N ILE D 125 -24.24 22.54 -16.93
CA ILE D 125 -24.37 23.81 -17.66
C ILE D 125 -24.77 23.47 -19.12
N PRO D 126 -25.89 24.04 -19.61
CA PRO D 126 -26.20 23.94 -21.06
C PRO D 126 -25.02 24.47 -21.91
N MET D 127 -24.73 23.77 -23.02
CA MET D 127 -23.61 24.11 -23.90
C MET D 127 -23.51 25.54 -24.30
N GLU D 128 -24.65 26.15 -24.60
CA GLU D 128 -24.64 27.54 -25.08
C GLU D 128 -24.16 28.44 -23.98
N GLU D 129 -24.64 28.23 -22.75
CA GLU D 129 -24.16 29.00 -21.59
C GLU D 129 -22.69 28.66 -21.29
N PHE D 130 -22.32 27.38 -21.31
CA PHE D 130 -20.90 27.03 -21.19
C PHE D 130 -20.04 27.85 -22.13
N ASP D 131 -20.39 27.84 -23.41
CA ASP D 131 -19.63 28.56 -24.45
C ASP D 131 -19.47 30.05 -24.16
N ARG D 132 -20.48 30.70 -23.58
CA ARG D 132 -20.31 32.14 -23.23
C ARG D 132 -19.52 32.37 -21.92
N SER D 133 -19.61 31.45 -20.96
CA SER D 133 -18.98 31.57 -19.65
C SER D 133 -17.47 31.16 -19.64
N PHE D 134 -17.13 30.13 -20.38
CA PHE D 134 -15.70 29.73 -20.49
C PHE D 134 -14.91 30.82 -21.26
N THR D 135 -13.88 31.37 -20.64
CA THR D 135 -13.10 32.49 -21.22
C THR D 135 -11.98 32.02 -22.15
N GLY D 136 -11.67 30.75 -22.13
CA GLY D 136 -10.65 30.20 -22.99
C GLY D 136 -9.47 29.59 -22.27
N ILE D 137 -9.25 29.94 -21.00
CA ILE D 137 -8.07 29.47 -20.25
C ILE D 137 -8.38 28.16 -19.47
N CYS D 138 -7.53 27.15 -19.60
CA CYS D 138 -7.77 25.83 -19.13
C CYS D 138 -6.50 25.28 -18.56
N LEU D 139 -6.56 24.77 -17.34
CA LEU D 139 -5.40 24.20 -16.70
C LEU D 139 -5.60 22.70 -16.73
N ILE D 140 -4.60 21.99 -17.22
CA ILE D 140 -4.62 20.60 -17.62
C ILE D 140 -3.58 19.90 -16.77
N PHE D 141 -3.97 18.77 -16.16
CA PHE D 141 -3.14 18.10 -15.18
C PHE D 141 -2.95 16.66 -15.53
N LYS D 142 -1.83 16.12 -15.10
CA LYS D 142 -1.43 14.73 -15.39
C LYS D 142 -0.59 14.31 -14.19
N PRO D 143 -0.75 13.07 -13.69
CA PRO D 143 0.23 12.56 -12.69
C PRO D 143 1.64 12.32 -13.26
N THR D 144 2.64 12.21 -12.37
CA THR D 144 4.01 11.75 -12.73
C THR D 144 4.28 10.37 -12.12
N ASP D 145 5.28 9.69 -12.69
CA ASP D 145 5.81 8.41 -12.17
C ASP D 145 7.35 8.43 -12.10
N GLY E 1 18.94 -16.69 23.65
CA GLY E 1 19.66 -16.28 24.92
C GLY E 1 18.94 -16.91 26.10
N ASN E 2 17.75 -16.38 26.40
CA ASN E 2 16.86 -16.99 27.39
C ASN E 2 15.49 -17.42 26.81
N LEU E 3 15.35 -17.42 25.49
CA LEU E 3 14.14 -17.85 24.81
C LEU E 3 14.36 -19.11 23.98
N SER E 4 13.49 -20.10 24.12
CA SER E 4 13.49 -21.28 23.21
C SER E 4 13.03 -20.95 21.77
N ASP E 5 13.40 -21.86 20.85
CA ASP E 5 13.02 -21.70 19.44
C ASP E 5 11.53 -21.55 19.20
N ASP E 6 10.72 -22.34 19.90
CA ASP E 6 9.26 -22.23 19.75
C ASP E 6 8.71 -20.87 20.20
N GLU E 7 9.29 -20.32 21.27
CA GLU E 7 8.87 -18.99 21.79
C GLU E 7 9.24 -17.88 20.82
N LEU E 8 10.46 -17.97 20.27
CA LEU E 8 10.94 -17.04 19.22
C LEU E 8 10.13 -17.14 17.95
N GLU E 9 9.76 -18.35 17.54
CA GLU E 9 8.86 -18.55 16.38
C GLU E 9 7.50 -17.84 16.51
N GLY E 10 7.02 -17.62 17.73
CA GLY E 10 5.74 -16.89 17.91
C GLY E 10 5.80 -15.38 18.01
N VAL E 11 7.02 -14.82 17.92
CA VAL E 11 7.24 -13.39 17.90
C VAL E 11 7.31 -12.88 16.46
N ALA E 12 6.29 -12.10 16.05
CA ALA E 12 6.02 -11.83 14.66
C ALA E 12 5.80 -10.36 14.44
N GLY E 13 6.18 -9.87 13.26
CA GLY E 13 5.98 -8.47 12.95
C GLY E 13 6.08 -8.16 11.48
N GLZ E 14 5.52 -7.14 10.91
CA GLZ E 14 5.81 -6.45 9.66
C GLZ E 14 6.55 -5.20 10.03
O GLZ E 14 5.81 -4.25 10.29
N GLY F 1 -21.94 11.13 22.78
CA GLY F 1 -22.69 10.60 23.94
C GLY F 1 -22.01 10.99 25.22
N ASN F 2 -20.85 10.38 25.49
CA ASN F 2 -20.11 10.70 26.70
C ASN F 2 -18.68 11.24 26.44
N LEU F 3 -18.35 11.54 25.18
CA LEU F 3 -17.09 12.11 24.80
C LEU F 3 -17.24 13.54 24.25
N SER F 4 -16.40 14.47 24.73
CA SER F 4 -16.31 15.81 24.12
C SER F 4 -15.66 15.81 22.70
N ASP F 5 -15.91 16.90 21.98
CA ASP F 5 -15.37 17.09 20.63
C ASP F 5 -13.85 16.95 20.55
N ASP F 6 -13.13 17.54 21.50
CA ASP F 6 -11.66 17.43 21.49
C ASP F 6 -11.18 16.02 21.69
N GLU F 7 -11.87 15.24 22.54
CA GLU F 7 -11.53 13.83 22.80
C GLU F 7 -11.76 12.96 21.53
N LEU F 8 -12.91 13.21 20.89
CA LEU F 8 -13.26 12.56 19.59
C LEU F 8 -12.29 12.93 18.48
N GLU F 9 -11.88 14.19 18.41
CA GLU F 9 -10.86 14.65 17.44
C GLU F 9 -9.52 13.87 17.57
N GLY F 10 -9.19 13.36 18.75
CA GLY F 10 -7.94 12.59 18.91
C GLY F 10 -8.02 11.10 18.67
N VAL F 11 -9.20 10.61 18.31
CA VAL F 11 -9.42 9.23 17.88
C VAL F 11 -9.30 9.13 16.36
N ALA F 12 -8.25 8.46 15.88
CA ALA F 12 -7.90 8.49 14.47
C ALA F 12 -7.65 7.10 13.95
N GLY F 13 -7.90 6.88 12.67
CA GLY F 13 -8.00 5.52 12.17
C GLY F 13 -7.82 5.43 10.67
N GLZ F 14 -7.06 4.55 10.11
CA GLZ F 14 -6.94 4.20 8.69
C GLZ F 14 -7.91 3.09 8.48
O GLZ F 14 -7.49 1.94 8.68
N GLY G 1 1.49 -19.05 -25.48
CA GLY G 1 1.49 -18.45 -26.78
C GLY G 1 1.37 -19.45 -27.88
N ASN G 2 2.38 -20.32 -28.07
CA ASN G 2 2.39 -21.18 -29.25
C ASN G 2 2.40 -22.69 -28.94
N LEU G 3 2.22 -23.06 -27.65
CA LEU G 3 2.10 -24.45 -27.27
C LEU G 3 0.73 -24.78 -26.70
N SER G 4 0.10 -25.84 -27.18
CA SER G 4 -1.13 -26.39 -26.53
C SER G 4 -0.88 -27.02 -25.14
N ASP G 5 -1.98 -27.13 -24.40
CA ASP G 5 -1.94 -27.71 -23.04
C ASP G 5 -1.37 -29.11 -23.00
N ASP G 6 -1.72 -29.96 -23.97
CA ASP G 6 -1.18 -31.33 -24.00
C ASP G 6 0.30 -31.36 -24.23
N GLU G 7 0.81 -30.44 -25.07
CA GLU G 7 2.26 -30.34 -25.35
C GLU G 7 3.03 -29.87 -24.10
N LEU G 8 2.46 -28.89 -23.42
CA LEU G 8 2.99 -28.38 -22.12
C LEU G 8 2.96 -29.42 -21.03
N GLU G 9 1.89 -30.21 -20.96
CA GLU G 9 1.83 -31.37 -20.03
C GLU G 9 3.01 -32.36 -20.22
N GLY G 10 3.56 -32.48 -21.41
CA GLY G 10 4.71 -33.40 -21.62
C GLY G 10 6.09 -32.83 -21.39
N VAL G 11 6.16 -31.55 -20.99
CA VAL G 11 7.41 -30.90 -20.59
C VAL G 11 7.59 -31.01 -19.07
N ALA G 12 8.57 -31.80 -18.64
CA ALA G 12 8.69 -32.20 -17.24
C ALA G 12 10.09 -32.00 -16.76
N GLY G 13 10.23 -31.74 -15.46
CA GLY G 13 11.55 -31.47 -14.89
C GLY G 13 11.56 -31.62 -13.39
N GLZ G 14 12.66 -32.04 -12.86
CA GLZ G 14 12.89 -31.89 -11.43
C GLZ G 14 13.73 -30.65 -11.27
O GLZ G 14 14.93 -30.78 -11.51
N GLY H 1 1.19 25.60 -21.38
CA GLY H 1 1.00 24.75 -22.61
C GLY H 1 1.26 25.58 -23.84
N ASN H 2 0.34 26.52 -24.12
CA ASN H 2 0.58 27.54 -25.16
C ASN H 2 0.58 28.99 -24.62
N LEU H 3 0.61 29.15 -23.30
CA LEU H 3 0.67 30.43 -22.63
C LEU H 3 1.97 30.59 -21.84
N SER H 4 2.61 31.74 -21.97
CA SER H 4 3.73 32.10 -21.07
C SER H 4 3.35 32.38 -19.61
N ASP H 5 4.33 32.31 -18.73
CA ASP H 5 4.14 32.56 -17.30
C ASP H 5 3.51 33.91 -17.00
N ASP H 6 3.96 34.97 -17.68
CA ASP H 6 3.38 36.31 -17.45
C ASP H 6 1.92 36.38 -17.87
N GLU H 7 1.55 35.68 -18.95
CA GLU H 7 0.15 35.64 -19.42
C GLU H 7 -0.75 34.88 -18.42
N LEU H 8 -0.24 33.77 -17.93
CA LEU H 8 -0.91 32.95 -16.87
C LEU H 8 -1.05 33.71 -15.55
N GLU H 9 -0.01 34.47 -15.17
CA GLU H 9 -0.08 35.37 -14.00
C GLU H 9 -1.22 36.40 -14.08
N GLY H 10 -1.63 36.79 -15.27
CA GLY H 10 -2.75 37.77 -15.40
C GLY H 10 -4.14 37.20 -15.48
N VAL H 11 -4.25 35.87 -15.41
CA VAL H 11 -5.55 35.19 -15.32
C VAL H 11 -5.92 34.95 -13.86
N ALA H 12 -6.96 35.64 -13.38
CA ALA H 12 -7.26 35.70 -11.97
C ALA H 12 -8.71 35.39 -11.72
N GLY H 13 -8.99 34.76 -10.58
CA GLY H 13 -10.34 34.37 -10.26
C GLY H 13 -10.57 34.21 -8.78
N GLZ H 14 -11.67 34.65 -8.25
CA GLZ H 14 -12.28 34.24 -6.98
C GLZ H 14 -13.01 32.94 -7.22
O GLZ H 14 -14.15 33.13 -7.61
C1 16P I . 6.48 -13.86 23.55
C2 16P I . 7.16 -15.16 24.04
O1 16P I . 7.19 -15.24 25.48
C3 16P I . 7.92 -16.32 26.09
C4 16P I . 7.98 -16.05 27.60
O2 16P I . 9.18 -16.65 28.17
C5 16P I . 10.25 -15.73 28.10
C6 16P I . 11.62 -16.11 28.67
O3 16P I . 11.78 -15.22 29.79
C7 16P I . 13.09 -14.88 30.18
C8 16P I . 13.07 -14.13 31.50
O4 16P I . 12.00 -13.12 31.52
C9 16P I . 12.42 -11.76 31.61
C10 16P I . 11.48 -10.89 32.42
O5 16P I . 11.99 -10.86 33.77
C11 16P I . 11.30 -9.97 34.67
C12 16P I . 10.79 -10.71 35.93
O6 16P I . 9.63 -10.06 36.51
C13 16P I . 8.33 -10.57 36.18
C14 16P I . 7.20 -9.71 36.73
C1 16P J . -9.46 9.22 23.92
C2 16P J . -10.18 10.23 24.79
O1 16P J . -10.47 9.67 26.10
C3 16P J . -11.24 10.50 26.92
C4 16P J . -11.75 9.65 28.09
O2 16P J . -13.08 10.13 28.43
C5 16P J . -14.05 9.22 28.06
C6 16P J . -15.47 9.46 28.53
O3 16P J . -15.73 8.24 29.19
C7 16P J . -16.81 8.20 30.06
C8 16P J . -16.84 6.89 30.83
O4 16P J . -15.83 5.93 30.40
C9 16P J . -16.29 4.61 30.20
C10 16P J . -15.40 3.66 30.97
O5 16P J . -16.11 3.44 32.19
C11 16P J . -15.50 2.43 33.01
C12 16P J . -15.27 2.94 34.45
O6 16P J . -14.26 2.15 35.12
C13 16P J . -12.89 2.54 34.98
C14 16P J . -12.03 1.92 36.06
#